data_6Z4I
#
_entry.id   6Z4I
#
_cell.length_a   38.334
_cell.length_b   68.260
_cell.length_c   50.706
_cell.angle_alpha   90.000
_cell.angle_beta   105.711
_cell.angle_gamma   90.000
#
_symmetry.space_group_name_H-M   'P 1 21 1'
#
loop_
_entity.id
_entity.type
_entity.pdbx_description
1 polymer 'Superoxide dismutase [Cu-Zn]'
2 non-polymer 'ZINC ION'
3 non-polymer 'ACETATE ION'
4 non-polymer 'SULFATE ION'
5 non-polymer ~{N}-[(4-methoxyphenyl)methyl]-2-selanyl-benzamide
6 water water
#
_entity_poly.entity_id   1
_entity_poly.type   'polypeptide(L)'
_entity_poly.pdbx_seq_one_letter_code
;ATKVVCVLKGDGPVQGIINFEQKESNGPVKVWGSIKGLTEGLHGFHVHEFGDNTAGCTSAGPHFNPLSRKHGGPKDEERH
VGDLGNVTADKDGVADVSIEDSVISLSGDHCIIGRTLVVHEKADDLGKGGNEESTKTGNAGSRLACGVIGIAQ
;
_entity_poly.pdbx_strand_id   AAA,FFF
#
# COMPACT_ATOMS: atom_id res chain seq x y z
CA ALA A 1 -1.72 -17.69 8.10
C ALA A 1 -1.44 -16.50 7.18
N THR A 2 -1.80 -15.28 7.58
CA THR A 2 -1.71 -14.07 6.75
C THR A 2 -0.66 -13.16 7.35
N LYS A 3 0.16 -12.57 6.49
CA LYS A 3 1.25 -11.66 6.88
C LYS A 3 1.07 -10.41 6.03
N VAL A 4 1.14 -9.25 6.64
CA VAL A 4 1.13 -7.96 5.90
C VAL A 4 2.14 -7.04 6.55
N VAL A 5 2.47 -5.98 5.84
CA VAL A 5 3.65 -5.17 6.23
C VAL A 5 3.42 -3.74 5.81
N CYS A 6 4.11 -2.83 6.47
CA CYS A 6 4.01 -1.39 6.23
C CYS A 6 5.37 -0.75 6.44
N VAL A 7 5.81 0.02 5.44
CA VAL A 7 7.03 0.86 5.52
C VAL A 7 6.57 2.28 5.83
N LEU A 8 6.96 2.82 6.99
CA LEU A 8 6.62 4.21 7.40
C LEU A 8 7.68 5.20 6.92
N LYS A 9 7.29 6.17 6.12
CA LYS A 9 8.14 7.31 5.66
C LYS A 9 7.33 8.61 5.72
N GLY A 10 8.00 9.76 5.83
CA GLY A 10 7.29 11.06 5.83
C GLY A 10 8.16 12.17 5.31
N ASP A 11 7.76 13.42 5.61
CA ASP A 11 8.41 14.69 5.16
C ASP A 11 9.64 15.00 6.02
N GLY A 12 9.94 14.17 7.01
CA GLY A 12 10.99 14.40 8.02
C GLY A 12 11.82 13.15 8.24
N PRO A 13 12.48 12.98 9.40
CA PRO A 13 13.41 11.88 9.62
C PRO A 13 12.82 10.60 10.23
N VAL A 14 11.50 10.56 10.47
CA VAL A 14 10.88 9.36 11.13
C VAL A 14 10.76 8.27 10.07
N GLN A 15 11.14 7.06 10.42
CA GLN A 15 11.04 5.94 9.45
C GLN A 15 10.91 4.66 10.24
N GLY A 16 10.16 3.71 9.72
CA GLY A 16 9.84 2.50 10.47
C GLY A 16 9.43 1.38 9.55
N ILE A 17 9.34 0.21 10.11
CA ILE A 17 8.94 -1.04 9.44
C ILE A 17 8.02 -1.72 10.42
N ILE A 18 6.77 -1.99 10.04
CA ILE A 18 5.79 -2.62 10.93
C ILE A 18 5.25 -3.88 10.24
N ASN A 19 5.28 -4.99 10.95
CA ASN A 19 4.81 -6.31 10.48
C ASN A 19 3.51 -6.65 11.17
N PHE A 20 2.58 -7.24 10.44
CA PHE A 20 1.32 -7.76 11.01
C PHE A 20 1.21 -9.25 10.70
N GLU A 21 0.80 -10.08 11.67
CA GLU A 21 0.58 -11.51 11.38
C GLU A 21 -0.69 -12.01 12.06
N GLN A 22 -1.51 -12.74 11.33
CA GLN A 22 -2.77 -13.34 11.85
C GLN A 22 -2.75 -14.82 11.50
N LYS A 23 -2.57 -15.69 12.49
CA LYS A 23 -2.44 -17.16 12.31
C LYS A 23 -3.76 -17.74 11.80
N GLU A 24 -4.89 -17.24 12.31
CA GLU A 24 -6.23 -17.80 12.02
C GLU A 24 -7.16 -16.67 11.57
N SER A 25 -8.03 -16.99 10.61
CA SER A 25 -9.10 -16.10 10.11
C SER A 25 -9.83 -15.49 11.31
N ASN A 26 -9.99 -14.17 11.32
CA ASN A 26 -10.72 -13.43 12.39
C ASN A 26 -10.13 -13.74 13.78
N GLY A 27 -8.87 -14.21 13.88
CA GLY A 27 -8.16 -14.36 15.16
C GLY A 27 -7.39 -13.08 15.51
N PRO A 28 -6.68 -12.99 16.66
CA PRO A 28 -5.87 -11.82 16.96
C PRO A 28 -4.74 -11.63 15.94
N VAL A 29 -4.37 -10.37 15.77
CA VAL A 29 -3.26 -9.93 14.89
C VAL A 29 -2.10 -9.50 15.77
N LYS A 30 -0.93 -10.07 15.54
CA LYS A 30 0.32 -9.66 16.21
C LYS A 30 0.93 -8.54 15.37
N VAL A 31 1.32 -7.45 16.01
CA VAL A 31 1.94 -6.26 15.36
C VAL A 31 3.33 -6.06 15.94
N TRP A 32 4.38 -6.00 15.10
CA TRP A 32 5.75 -5.83 15.64
C TRP A 32 6.62 -5.08 14.63
N GLY A 33 7.62 -4.39 15.15
CA GLY A 33 8.69 -3.83 14.34
C GLY A 33 9.33 -2.67 15.07
N SER A 34 9.76 -1.68 14.34
CA SER A 34 10.62 -0.62 14.92
CA SER A 34 10.53 -0.60 14.98
C SER A 34 10.36 0.67 14.17
N ILE A 35 10.40 1.78 14.89
CA ILE A 35 10.30 3.14 14.30
C ILE A 35 11.41 3.95 14.96
N LYS A 36 12.10 4.75 14.14
CA LYS A 36 13.24 5.58 14.58
C LYS A 36 12.97 7.03 14.19
N GLY A 37 13.69 7.96 14.84
CA GLY A 37 13.58 9.40 14.60
C GLY A 37 12.49 10.04 15.45
N LEU A 38 11.95 9.37 16.46
CA LEU A 38 10.82 9.88 17.28
C LEU A 38 11.33 10.64 18.49
N THR A 39 10.49 11.52 19.05
CA THR A 39 10.73 12.19 20.35
C THR A 39 10.34 11.21 21.47
N GLU A 40 11.06 11.25 22.60
CA GLU A 40 10.73 10.42 23.79
C GLU A 40 9.25 10.61 24.14
N GLY A 41 8.56 9.50 24.34
CA GLY A 41 7.23 9.47 24.95
C GLY A 41 6.25 8.78 24.02
N LEU A 42 4.98 9.10 24.19
N LEU A 42 4.99 9.17 24.08
CA LEU A 42 3.86 8.46 23.46
CA LEU A 42 3.92 8.41 23.43
C LEU A 42 3.78 9.08 22.05
C LEU A 42 3.56 9.09 22.11
N HIS A 43 3.43 8.27 21.05
CA HIS A 43 3.13 8.75 19.68
C HIS A 43 1.93 7.97 19.20
N GLY A 44 0.86 8.68 18.86
CA GLY A 44 -0.35 8.00 18.41
C GLY A 44 -0.08 7.16 17.17
N PHE A 45 -0.75 6.02 17.12
CA PHE A 45 -0.42 4.93 16.18
C PHE A 45 -1.74 4.39 15.67
N HIS A 46 -2.08 4.74 14.41
CA HIS A 46 -3.44 4.43 13.92
C HIS A 46 -3.44 3.93 12.49
N VAL A 47 -4.41 3.09 12.19
CA VAL A 47 -4.77 2.77 10.78
C VAL A 47 -5.80 3.82 10.31
N HIS A 48 -5.45 4.54 9.26
CA HIS A 48 -6.33 5.56 8.64
C HIS A 48 -7.07 4.93 7.47
N GLU A 49 -8.15 5.56 7.05
CA GLU A 49 -9.15 4.99 6.14
CA GLU A 49 -9.16 4.97 6.15
C GLU A 49 -8.56 4.70 4.76
N PHE A 50 -7.85 5.63 4.14
CA PHE A 50 -7.44 5.52 2.73
C PHE A 50 -5.97 5.14 2.59
N GLY A 51 -5.65 4.23 1.66
CA GLY A 51 -4.28 3.90 1.27
C GLY A 51 -3.77 4.85 0.20
N ASP A 52 -4.00 6.13 0.40
CA ASP A 52 -3.72 7.20 -0.60
C ASP A 52 -2.65 8.10 0.00
N ASN A 53 -1.47 8.10 -0.61
CA ASN A 53 -0.32 8.92 -0.18
C ASN A 53 -0.04 10.01 -1.23
N THR A 54 -1.00 10.32 -2.10
CA THR A 54 -0.85 11.27 -3.24
C THR A 54 -0.17 12.59 -2.79
N ALA A 55 -0.68 13.20 -1.74
CA ALA A 55 -0.07 14.47 -1.26
C ALA A 55 0.58 14.27 0.11
N GLY A 56 1.05 13.05 0.39
CA GLY A 56 1.68 12.69 1.67
C GLY A 56 0.64 12.05 2.58
N CYS A 57 0.93 12.04 3.87
CA CYS A 57 0.11 11.30 4.87
C CYS A 57 -1.25 11.95 5.04
N THR A 58 -1.43 13.25 4.73
CA THR A 58 -2.75 13.90 4.83
CA THR A 58 -2.76 13.89 4.86
C THR A 58 -3.79 13.18 3.96
N SER A 59 -3.39 12.62 2.80
CA SER A 59 -4.30 11.98 1.84
C SER A 59 -4.98 10.72 2.44
N ALA A 60 -4.46 10.17 3.55
CA ALA A 60 -4.97 8.93 4.16
C ALA A 60 -6.32 9.17 4.83
N GLY A 61 -6.65 10.45 5.09
CA GLY A 61 -7.97 10.77 5.64
C GLY A 61 -8.03 10.44 7.14
N PRO A 62 -9.26 10.23 7.68
CA PRO A 62 -9.47 10.05 9.11
C PRO A 62 -9.08 8.63 9.57
N HIS A 63 -9.14 8.38 10.88
CA HIS A 63 -8.95 7.00 11.39
C HIS A 63 -9.89 6.05 10.64
N PHE A 64 -9.44 4.81 10.42
CA PHE A 64 -10.28 3.74 9.81
C PHE A 64 -11.38 3.42 10.80
N ASN A 65 -12.63 3.63 10.39
CA ASN A 65 -13.80 3.62 11.30
C ASN A 65 -15.00 3.03 10.57
N PRO A 66 -14.91 1.76 10.14
CA PRO A 66 -15.98 1.16 9.33
C PRO A 66 -17.31 1.06 10.09
N LEU A 67 -17.29 1.03 11.42
CA LEU A 67 -18.51 0.81 12.26
C LEU A 67 -19.05 2.16 12.79
N SER A 68 -18.52 3.31 12.35
CA SER A 68 -18.98 4.65 12.78
C SER A 68 -19.01 4.79 14.30
N ARG A 69 -17.96 4.43 15.01
CA ARG A 69 -17.86 4.65 16.47
C ARG A 69 -17.03 5.90 16.76
N LYS A 70 -16.93 6.26 18.04
CA LYS A 70 -16.04 7.35 18.51
C LYS A 70 -14.64 6.79 18.74
N HIS A 71 -13.67 7.70 18.79
CA HIS A 71 -12.25 7.39 19.02
C HIS A 71 -12.09 6.78 20.42
N GLY A 72 -11.19 5.83 20.54
CA GLY A 72 -10.88 5.21 21.83
C GLY A 72 -9.51 4.61 21.86
N GLY A 73 -9.24 3.88 22.96
CA GLY A 73 -8.04 3.06 23.08
C GLY A 73 -8.31 1.66 22.56
N PRO A 74 -7.25 0.89 22.23
CA PRO A 74 -7.41 -0.45 21.68
C PRO A 74 -8.16 -1.38 22.63
N LYS A 75 -8.07 -1.15 23.94
CA LYS A 75 -8.80 -2.03 24.89
C LYS A 75 -10.27 -1.62 25.06
N ASP A 76 -10.75 -0.55 24.44
CA ASP A 76 -12.15 -0.09 24.59
C ASP A 76 -13.08 -0.78 23.61
N GLU A 77 -14.30 -1.12 24.04
CA GLU A 77 -15.44 -1.46 23.15
C GLU A 77 -15.66 -0.29 22.18
N GLU A 78 -15.62 0.91 22.74
CA GLU A 78 -15.89 2.16 21.99
C GLU A 78 -14.57 2.63 21.41
N ARG A 79 -14.29 2.24 20.16
CA ARG A 79 -13.07 2.65 19.42
C ARG A 79 -13.34 2.60 17.93
N HIS A 80 -12.52 3.31 17.15
CA HIS A 80 -12.36 3.05 15.71
C HIS A 80 -11.63 1.71 15.53
N VAL A 81 -11.96 0.95 14.48
CA VAL A 81 -11.13 -0.24 14.15
C VAL A 81 -9.65 0.14 14.06
N GLY A 82 -9.30 1.29 13.50
CA GLY A 82 -7.90 1.68 13.35
C GLY A 82 -7.20 2.14 14.63
N ASP A 83 -7.86 2.15 15.79
CA ASP A 83 -7.26 2.74 17.02
C ASP A 83 -6.28 1.77 17.71
N LEU A 84 -5.00 1.90 17.43
CA LEU A 84 -3.97 1.00 18.00
C LEU A 84 -3.21 1.73 19.11
N GLY A 85 -3.72 2.86 19.58
CA GLY A 85 -3.20 3.49 20.80
C GLY A 85 -1.96 4.30 20.54
N ASN A 86 -0.90 4.03 21.33
CA ASN A 86 0.40 4.72 21.26
C ASN A 86 1.55 3.71 21.12
N VAL A 87 2.59 4.14 20.43
CA VAL A 87 3.93 3.51 20.54
C VAL A 87 4.74 4.48 21.39
N THR A 88 5.75 3.96 22.08
CA THR A 88 6.58 4.75 23.02
C THR A 88 8.01 4.72 22.52
N ALA A 89 8.57 5.90 22.26
CA ALA A 89 9.98 6.05 21.88
C ALA A 89 10.77 6.23 23.18
N ASP A 90 11.92 5.54 23.23
CA ASP A 90 12.98 5.68 24.26
C ASP A 90 13.68 7.04 24.08
N LYS A 91 14.46 7.46 25.07
CA LYS A 91 15.32 8.67 24.90
C LYS A 91 16.10 8.57 23.60
N ASP A 92 16.39 7.36 23.12
CA ASP A 92 17.15 7.13 21.85
C ASP A 92 16.23 7.37 20.64
N GLY A 93 14.93 7.59 20.86
CA GLY A 93 13.99 7.96 19.77
C GLY A 93 13.53 6.74 18.99
N VAL A 94 13.67 5.57 19.59
CA VAL A 94 13.29 4.28 18.98
C VAL A 94 12.10 3.73 19.75
N ALA A 95 11.00 3.41 19.03
CA ALA A 95 9.89 2.62 19.59
C ALA A 95 10.04 1.21 19.00
N ASP A 96 10.20 0.24 19.89
CA ASP A 96 10.11 -1.19 19.54
C ASP A 96 8.63 -1.51 19.69
N VAL A 97 7.96 -1.74 18.57
CA VAL A 97 6.49 -1.95 18.59
C VAL A 97 6.22 -3.43 18.85
N SER A 98 5.30 -3.70 19.77
CA SER A 98 4.84 -5.05 20.16
C SER A 98 3.40 -4.97 20.67
N ILE A 99 2.43 -5.23 19.78
CA ILE A 99 0.97 -5.02 20.00
C ILE A 99 0.29 -6.33 19.59
N GLU A 100 -0.75 -6.74 20.31
CA GLU A 100 -1.66 -7.80 19.87
C GLU A 100 -3.05 -7.19 19.89
N ASP A 101 -3.80 -7.32 18.80
CA ASP A 101 -5.11 -6.66 18.67
C ASP A 101 -6.12 -7.65 18.09
N SER A 102 -7.35 -7.66 18.60
CA SER A 102 -8.43 -8.56 18.16
C SER A 102 -9.49 -7.83 17.34
N VAL A 103 -9.31 -6.51 17.15
CA VAL A 103 -10.30 -5.71 16.38
C VAL A 103 -9.86 -5.54 14.92
N ILE A 104 -8.62 -5.11 14.68
CA ILE A 104 -8.08 -5.07 13.29
C ILE A 104 -8.09 -6.50 12.76
N SER A 105 -8.17 -6.68 11.44
CA SER A 105 -8.06 -8.04 10.82
C SER A 105 -7.29 -7.93 9.53
N LEU A 106 -6.75 -9.05 9.06
CA LEU A 106 -6.10 -9.14 7.74
C LEU A 106 -7.00 -9.91 6.78
N SER A 107 -8.21 -10.30 7.23
CA SER A 107 -9.18 -11.10 6.44
C SER A 107 -10.62 -10.77 6.85
N GLY A 108 -11.59 -11.32 6.11
CA GLY A 108 -13.03 -11.31 6.47
C GLY A 108 -13.69 -9.96 6.22
N ASP A 109 -13.76 -9.14 7.25
CA ASP A 109 -14.08 -7.70 7.17
C ASP A 109 -13.24 -7.05 8.27
N HIS A 110 -13.29 -5.72 8.43
N HIS A 110 -13.30 -5.71 8.32
CA HIS A 110 -12.38 -4.98 9.35
CA HIS A 110 -12.46 -4.85 9.17
C HIS A 110 -10.95 -5.05 8.80
C HIS A 110 -10.99 -5.02 8.76
N CYS A 111 -10.80 -5.39 7.51
N CYS A 111 -10.80 -5.37 7.48
CA CYS A 111 -9.48 -5.67 6.89
CA CYS A 111 -9.45 -5.61 6.90
C CYS A 111 -8.70 -4.37 6.73
C CYS A 111 -8.71 -4.29 6.81
N ILE A 112 -7.43 -4.34 7.16
CA ILE A 112 -6.57 -3.13 7.09
C ILE A 112 -5.70 -3.13 5.84
N ILE A 113 -5.75 -4.17 5.01
CA ILE A 113 -4.92 -4.20 3.79
C ILE A 113 -5.35 -3.08 2.84
N GLY A 114 -4.38 -2.36 2.30
CA GLY A 114 -4.67 -1.26 1.36
C GLY A 114 -5.06 0.03 2.08
N ARG A 115 -4.98 0.09 3.40
CA ARG A 115 -5.18 1.30 4.21
C ARG A 115 -3.81 1.86 4.57
N THR A 116 -3.76 2.94 5.34
CA THR A 116 -2.51 3.60 5.72
C THR A 116 -2.27 3.48 7.23
N LEU A 117 -1.10 3.04 7.63
CA LEU A 117 -0.68 3.12 9.05
C LEU A 117 0.06 4.46 9.24
N VAL A 118 -0.21 5.19 10.31
CA VAL A 118 0.37 6.55 10.56
C VAL A 118 0.90 6.59 11.97
N VAL A 119 2.12 7.12 12.13
CA VAL A 119 2.59 7.46 13.50
C VAL A 119 2.56 9.00 13.65
N HIS A 120 1.99 9.43 14.75
CA HIS A 120 1.59 10.83 15.01
C HIS A 120 2.60 11.56 15.91
N GLU A 121 2.47 12.88 15.86
CA GLU A 121 3.41 13.87 16.49
C GLU A 121 3.31 13.76 18.01
N LYS A 122 2.10 13.62 18.53
CA LYS A 122 1.78 13.69 19.98
C LYS A 122 1.21 12.37 20.47
N ALA A 123 1.07 12.27 21.79
CA ALA A 123 0.33 11.19 22.47
C ALA A 123 -1.13 11.26 22.06
N ASP A 124 -1.67 10.07 21.81
CA ASP A 124 -3.11 9.80 21.75
C ASP A 124 -3.68 9.72 23.17
N ASP A 125 -4.70 10.52 23.49
CA ASP A 125 -5.38 10.46 24.83
C ASP A 125 -6.44 9.36 24.92
N LEU A 126 -6.56 8.50 23.89
CA LEU A 126 -7.49 7.34 23.87
C LEU A 126 -8.92 7.79 24.19
N GLY A 127 -9.25 9.02 23.78
CA GLY A 127 -10.59 9.60 23.91
C GLY A 127 -10.91 10.11 25.30
N LYS A 128 -9.92 10.26 26.19
CA LYS A 128 -10.18 10.63 27.61
C LYS A 128 -9.75 12.07 27.90
N GLY A 129 -9.40 12.89 26.88
CA GLY A 129 -8.65 14.15 27.00
C GLY A 129 -9.44 15.41 27.41
N GLY A 130 -10.75 15.37 27.37
CA GLY A 130 -11.62 16.44 27.90
C GLY A 130 -11.90 17.55 26.90
N ASN A 131 -11.75 17.29 25.60
CA ASN A 131 -12.25 18.24 24.56
C ASN A 131 -12.97 17.43 23.49
N GLU A 132 -13.58 18.10 22.49
CA GLU A 132 -14.35 17.41 21.43
C GLU A 132 -13.42 16.56 20.56
N GLU A 133 -12.24 17.08 20.26
CA GLU A 133 -11.24 16.45 19.35
C GLU A 133 -10.81 15.11 19.95
N SER A 134 -10.83 14.96 21.27
CA SER A 134 -10.41 13.71 21.95
C SER A 134 -11.17 12.50 21.40
N THR A 135 -12.46 12.68 21.11
CA THR A 135 -13.41 11.61 20.71
C THR A 135 -13.33 11.39 19.20
N LYS A 136 -12.45 12.08 18.47
CA LYS A 136 -12.26 11.93 16.99
C LYS A 136 -10.83 11.49 16.68
N THR A 137 -9.83 12.25 17.16
CA THR A 137 -8.42 12.08 16.76
C THR A 137 -7.56 11.72 17.97
N GLY A 138 -8.08 11.89 19.19
CA GLY A 138 -7.30 11.69 20.43
C GLY A 138 -6.24 12.75 20.63
N ASN A 139 -6.33 13.86 19.88
CA ASN A 139 -5.39 15.00 19.99
C ASN A 139 -3.96 14.54 19.72
N ALA A 140 -3.74 13.57 18.83
CA ALA A 140 -2.38 13.06 18.54
C ALA A 140 -1.66 13.93 17.51
N GLY A 141 -2.30 14.96 16.95
CA GLY A 141 -1.61 15.95 16.12
C GLY A 141 -1.17 15.40 14.77
N SER A 142 -0.10 15.95 14.23
CA SER A 142 0.28 15.82 12.81
C SER A 142 0.83 14.41 12.52
N ARG A 143 1.06 14.16 11.25
CA ARG A 143 1.40 12.80 10.76
C ARG A 143 2.89 12.80 10.44
N LEU A 144 3.69 12.12 11.24
CA LEU A 144 5.17 12.16 11.10
C LEU A 144 5.59 11.25 9.96
N ALA A 145 5.03 10.04 9.88
CA ALA A 145 5.37 9.04 8.84
C ALA A 145 4.19 8.09 8.65
N CYS A 146 4.08 7.52 7.47
CA CYS A 146 2.97 6.63 7.11
C CYS A 146 3.38 5.71 5.98
N GLY A 147 2.56 4.70 5.75
CA GLY A 147 2.75 3.83 4.59
C GLY A 147 1.51 3.03 4.35
N VAL A 148 1.40 2.51 3.13
CA VAL A 148 0.24 1.72 2.73
C VAL A 148 0.52 0.31 3.22
N ILE A 149 -0.48 -0.30 3.77
CA ILE A 149 -0.39 -1.65 4.35
C ILE A 149 -0.56 -2.71 3.24
N GLY A 150 0.47 -3.52 3.03
CA GLY A 150 0.52 -4.46 1.91
C GLY A 150 0.58 -5.92 2.30
N ILE A 151 0.29 -6.77 1.34
CA ILE A 151 0.36 -8.25 1.48
C ILE A 151 1.82 -8.65 1.45
N ALA A 152 2.25 -9.45 2.45
CA ALA A 152 3.59 -10.03 2.55
C ALA A 152 3.57 -11.53 2.22
N GLN A 153 4.76 -12.05 1.93
CA GLN A 153 4.98 -13.47 1.65
C GLN A 153 4.76 -14.27 2.94
N ALA B 1 -17.13 3.45 -9.28
CA ALA B 1 -17.57 3.01 -7.92
C ALA B 1 -16.34 2.76 -7.02
N THR B 2 -15.43 1.86 -7.40
CA THR B 2 -14.24 1.54 -6.57
C THR B 2 -13.04 2.27 -7.18
N LYS B 3 -12.31 3.01 -6.35
CA LYS B 3 -11.12 3.78 -6.76
C LYS B 3 -9.95 3.33 -5.91
N VAL B 4 -8.79 3.17 -6.52
CA VAL B 4 -7.56 2.69 -5.88
C VAL B 4 -6.41 3.52 -6.45
N VAL B 5 -5.30 3.67 -5.71
CA VAL B 5 -4.25 4.62 -6.13
C VAL B 5 -2.90 4.03 -5.77
N CYS B 6 -1.85 4.46 -6.48
CA CYS B 6 -0.47 4.02 -6.26
C CYS B 6 0.45 5.20 -6.49
N VAL B 7 1.28 5.49 -5.51
CA VAL B 7 2.38 6.47 -5.62
C VAL B 7 3.65 5.70 -5.89
N LEU B 8 4.26 5.93 -7.06
CA LEU B 8 5.52 5.28 -7.48
C LEU B 8 6.72 6.12 -7.04
N LYS B 9 7.62 5.50 -6.31
CA LYS B 9 8.90 6.11 -5.89
C LYS B 9 9.99 5.07 -6.00
N GLY B 10 11.24 5.50 -6.15
CA GLY B 10 12.35 4.54 -6.15
C GLY B 10 13.63 5.15 -5.64
N ASP B 11 14.77 4.53 -5.97
CA ASP B 11 16.12 4.94 -5.49
C ASP B 11 16.69 6.00 -6.41
N GLY B 12 16.16 6.15 -7.62
CA GLY B 12 16.60 7.17 -8.59
C GLY B 12 15.53 8.24 -8.77
N PRO B 13 15.44 8.85 -9.97
CA PRO B 13 14.53 9.96 -10.20
C PRO B 13 13.11 9.58 -10.63
N VAL B 14 12.83 8.29 -10.81
CA VAL B 14 11.53 7.92 -11.44
C VAL B 14 10.46 8.08 -10.37
N GLN B 15 9.37 8.72 -10.73
CA GLN B 15 8.26 8.92 -9.78
C GLN B 15 7.00 9.11 -10.59
N GLY B 16 5.89 8.72 -10.00
CA GLY B 16 4.61 8.85 -10.66
C GLY B 16 3.45 8.64 -9.75
N ILE B 17 2.27 8.89 -10.27
CA ILE B 17 0.99 8.69 -9.55
C ILE B 17 0.10 7.94 -10.52
N ILE B 18 -0.45 6.80 -10.10
CA ILE B 18 -1.34 6.01 -10.97
C ILE B 18 -2.65 5.78 -10.23
N ASN B 19 -3.74 6.08 -10.91
CA ASN B 19 -5.13 5.89 -10.41
C ASN B 19 -5.76 4.69 -11.09
N PHE B 20 -6.61 3.95 -10.37
CA PHE B 20 -7.41 2.82 -10.88
C PHE B 20 -8.87 3.05 -10.52
N GLU B 21 -9.78 2.79 -11.48
CA GLU B 21 -11.24 2.96 -11.21
C GLU B 21 -12.02 1.82 -11.89
N GLN B 22 -12.94 1.21 -11.15
CA GLN B 22 -13.80 0.10 -11.65
C GLN B 22 -15.26 0.49 -11.35
N LYS B 23 -16.05 0.76 -12.40
CA LYS B 23 -17.46 1.18 -12.24
C LYS B 23 -18.29 0.00 -11.74
N GLU B 24 -18.00 -1.23 -12.18
CA GLU B 24 -18.85 -2.38 -11.80
C GLU B 24 -18.01 -3.58 -11.42
N SER B 25 -18.62 -4.52 -10.70
N SER B 25 -18.43 -4.23 -10.33
CA SER B 25 -18.07 -5.84 -10.32
CA SER B 25 -17.95 -5.55 -9.89
C SER B 25 -17.47 -6.58 -11.53
C SER B 25 -17.85 -6.41 -11.15
N ASN B 26 -16.21 -7.00 -11.39
N ASN B 26 -16.63 -6.84 -11.48
CA ASN B 26 -15.54 -7.92 -12.36
CA ASN B 26 -16.35 -7.68 -12.67
C ASN B 26 -15.51 -7.23 -13.74
C ASN B 26 -16.36 -6.82 -13.94
N GLY B 27 -15.86 -5.94 -13.81
N GLY B 27 -16.31 -5.48 -13.84
CA GLY B 27 -15.94 -5.13 -15.07
CA GLY B 27 -16.15 -4.60 -15.00
C GLY B 27 -14.60 -4.44 -15.32
C GLY B 27 -14.68 -4.40 -15.34
N PRO B 28 -14.38 -3.75 -16.47
CA PRO B 28 -13.03 -3.25 -16.76
C PRO B 28 -12.56 -2.21 -15.73
N VAL B 29 -11.24 -2.16 -15.57
CA VAL B 29 -10.54 -1.20 -14.69
C VAL B 29 -9.86 -0.19 -15.59
N LYS B 30 -10.14 1.08 -15.35
CA LYS B 30 -9.48 2.21 -16.04
C LYS B 30 -8.24 2.54 -15.21
N VAL B 31 -7.10 2.66 -15.88
CA VAL B 31 -5.78 2.95 -15.25
C VAL B 31 -5.25 4.24 -15.87
N TRP B 32 -4.92 5.25 -15.07
CA TRP B 32 -4.48 6.54 -15.66
C TRP B 32 -3.59 7.31 -14.70
N GLY B 33 -2.66 8.05 -15.28
CA GLY B 33 -1.78 8.90 -14.47
C GLY B 33 -0.51 9.23 -15.22
N SER B 34 0.55 9.52 -14.52
CA SER B 34 1.76 10.03 -15.19
C SER B 34 2.99 9.55 -14.44
N ILE B 35 4.04 9.25 -15.19
CA ILE B 35 5.35 8.84 -14.62
C ILE B 35 6.40 9.74 -15.30
N LYS B 36 7.31 10.29 -14.51
CA LYS B 36 8.43 11.11 -15.03
C LYS B 36 9.80 10.54 -14.64
N GLY B 37 10.88 11.06 -15.25
CA GLY B 37 12.25 10.59 -14.98
C GLY B 37 12.65 9.33 -15.72
N LEU B 38 11.91 8.92 -16.77
CA LEU B 38 12.16 7.69 -17.55
C LEU B 38 13.03 8.01 -18.75
N THR B 39 13.77 7.02 -19.19
CA THR B 39 14.41 6.98 -20.53
C THR B 39 13.30 6.86 -21.58
N GLU B 40 13.45 7.53 -22.70
CA GLU B 40 12.48 7.45 -23.83
C GLU B 40 12.30 5.99 -24.23
N GLY B 41 11.03 5.61 -24.46
CA GLY B 41 10.65 4.30 -24.97
C GLY B 41 9.84 3.49 -23.99
N LEU B 42 9.74 2.21 -24.22
CA LEU B 42 8.87 1.29 -23.43
C LEU B 42 9.47 0.93 -22.06
N HIS B 43 8.62 0.86 -21.04
CA HIS B 43 9.01 0.40 -19.69
C HIS B 43 7.96 -0.59 -19.21
N GLY B 44 8.40 -1.78 -18.80
CA GLY B 44 7.49 -2.82 -18.30
C GLY B 44 6.70 -2.30 -17.12
N PHE B 45 5.42 -2.67 -17.06
CA PHE B 45 4.46 -2.05 -16.11
C PHE B 45 3.61 -3.18 -15.54
N HIS B 46 3.86 -3.58 -14.29
CA HIS B 46 3.28 -4.83 -13.75
C HIS B 46 2.80 -4.63 -12.32
N VAL B 47 1.78 -5.38 -11.96
CA VAL B 47 1.42 -5.63 -10.55
C VAL B 47 2.19 -6.87 -10.05
N HIS B 48 3.00 -6.66 -9.03
CA HIS B 48 3.83 -7.72 -8.42
C HIS B 48 3.09 -8.26 -7.19
N GLU B 49 3.45 -9.47 -6.77
CA GLU B 49 2.65 -10.29 -5.83
C GLU B 49 2.55 -9.65 -4.43
N PHE B 50 3.63 -9.09 -3.90
CA PHE B 50 3.63 -8.63 -2.50
C PHE B 50 3.63 -7.11 -2.43
N GLY B 51 2.79 -6.57 -1.57
CA GLY B 51 2.78 -5.16 -1.16
C GLY B 51 3.83 -4.90 -0.11
N ASP B 52 5.04 -5.42 -0.35
CA ASP B 52 6.18 -5.41 0.60
C ASP B 52 7.25 -4.58 -0.06
N ASN B 53 7.50 -3.39 0.51
CA ASN B 53 8.57 -2.53 -0.05
C ASN B 53 9.62 -2.35 1.09
N THR B 54 9.70 -3.30 2.02
CA THR B 54 10.67 -3.32 3.16
C THR B 54 12.09 -2.97 2.70
N ALA B 55 12.59 -3.64 1.69
CA ALA B 55 13.95 -3.32 1.18
C ALA B 55 13.87 -2.74 -0.21
N GLY B 56 12.83 -1.95 -0.50
CA GLY B 56 12.59 -1.27 -1.80
C GLY B 56 11.81 -2.20 -2.70
N CYS B 57 11.83 -1.94 -4.01
CA CYS B 57 10.98 -2.65 -4.98
C CYS B 57 11.30 -4.14 -5.08
N THR B 58 12.51 -4.60 -4.74
CA THR B 58 12.87 -6.02 -4.81
C THR B 58 11.98 -6.85 -3.89
N SER B 59 11.54 -6.31 -2.74
CA SER B 59 10.73 -7.05 -1.74
C SER B 59 9.35 -7.46 -2.32
N ALA B 60 8.95 -6.92 -3.46
CA ALA B 60 7.58 -7.09 -3.99
C ALA B 60 7.45 -8.47 -4.66
N GLY B 61 8.57 -9.14 -4.93
CA GLY B 61 8.50 -10.50 -5.46
C GLY B 61 8.10 -10.50 -6.93
N PRO B 62 7.59 -11.62 -7.43
CA PRO B 62 7.37 -11.78 -8.88
C PRO B 62 6.03 -11.15 -9.31
N HIS B 63 5.70 -11.23 -10.60
CA HIS B 63 4.41 -10.75 -11.11
C HIS B 63 3.29 -11.42 -10.35
N PHE B 64 2.23 -10.67 -10.10
CA PHE B 64 1.01 -11.18 -9.43
C PHE B 64 0.38 -12.21 -10.37
N ASN B 65 0.27 -13.44 -9.91
CA ASN B 65 -0.08 -14.60 -10.80
C ASN B 65 -0.94 -15.59 -10.03
N PRO B 66 -2.10 -15.18 -9.52
CA PRO B 66 -2.94 -16.08 -8.73
C PRO B 66 -3.38 -17.31 -9.56
N LEU B 67 -3.42 -17.21 -10.90
CA LEU B 67 -3.95 -18.31 -11.77
C LEU B 67 -2.84 -19.18 -12.36
N SER B 68 -1.59 -19.06 -11.86
CA SER B 68 -0.40 -19.83 -12.31
C SER B 68 -0.34 -19.93 -13.84
N ARG B 69 -0.39 -18.81 -14.54
CA ARG B 69 -0.13 -18.81 -15.99
C ARG B 69 1.30 -18.31 -16.24
N LYS B 70 1.71 -18.37 -17.49
CA LYS B 70 2.98 -17.80 -18.01
C LYS B 70 2.79 -16.31 -18.28
N HIS B 71 3.90 -15.61 -18.40
CA HIS B 71 3.91 -14.15 -18.67
C HIS B 71 3.39 -13.90 -20.09
N GLY B 72 2.66 -12.80 -20.25
CA GLY B 72 2.27 -12.30 -21.57
C GLY B 72 1.98 -10.83 -21.55
N GLY B 73 1.41 -10.33 -22.65
CA GLY B 73 0.91 -8.96 -22.71
C GLY B 73 -0.52 -8.88 -22.21
N PRO B 74 -0.99 -7.66 -21.92
CA PRO B 74 -2.33 -7.43 -21.39
C PRO B 74 -3.42 -7.93 -22.35
N LYS B 75 -3.15 -7.93 -23.66
CA LYS B 75 -4.15 -8.36 -24.67
C LYS B 75 -4.04 -9.86 -24.94
N ASP B 76 -3.29 -10.64 -24.15
CA ASP B 76 -3.09 -12.10 -24.37
C ASP B 76 -3.94 -12.88 -23.37
N GLU B 77 -4.48 -14.03 -23.78
CA GLU B 77 -5.15 -14.96 -22.83
C GLU B 77 -4.12 -15.50 -21.85
N GLU B 78 -2.94 -15.90 -22.34
CA GLU B 78 -1.87 -16.48 -21.49
C GLU B 78 -1.09 -15.31 -20.91
N ARG B 79 -1.45 -14.93 -19.70
CA ARG B 79 -0.80 -13.79 -19.00
C ARG B 79 -0.91 -14.00 -17.50
N HIS B 80 -0.03 -13.35 -16.74
CA HIS B 80 -0.24 -13.11 -15.30
C HIS B 80 -1.36 -12.09 -15.14
N VAL B 81 -2.13 -12.19 -14.06
CA VAL B 81 -3.11 -11.11 -13.70
C VAL B 81 -2.38 -9.74 -13.67
N GLY B 82 -1.15 -9.69 -13.17
CA GLY B 82 -0.41 -8.42 -13.04
C GLY B 82 0.16 -7.88 -14.34
N ASP B 83 -0.01 -8.54 -15.49
CA ASP B 83 0.70 -8.15 -16.74
C ASP B 83 -0.01 -6.98 -17.42
N LEU B 84 0.45 -5.76 -17.18
CA LEU B 84 -0.17 -4.57 -17.79
C LEU B 84 0.70 -4.03 -18.94
N GLY B 85 1.63 -4.83 -19.45
CA GLY B 85 2.41 -4.49 -20.65
C GLY B 85 3.47 -3.45 -20.36
N ASN B 86 3.48 -2.41 -21.19
CA ASN B 86 4.46 -1.30 -21.16
C ASN B 86 3.77 0.05 -21.06
N VAL B 87 4.44 0.99 -20.44
CA VAL B 87 4.08 2.43 -20.54
C VAL B 87 5.21 3.01 -21.40
N THR B 88 4.90 4.04 -22.18
CA THR B 88 5.88 4.61 -23.14
C THR B 88 6.23 6.05 -22.73
N ALA B 89 7.51 6.33 -22.51
CA ALA B 89 8.03 7.66 -22.14
C ALA B 89 8.45 8.33 -23.44
N ASP B 90 8.17 9.61 -23.51
CA ASP B 90 8.58 10.46 -24.64
C ASP B 90 10.01 10.97 -24.40
N LYS B 91 10.44 11.91 -25.23
CA LYS B 91 11.77 12.53 -25.09
C LYS B 91 11.92 13.36 -23.81
N ASP B 92 10.84 13.78 -23.19
CA ASP B 92 10.94 14.57 -21.94
CA ASP B 92 10.93 14.58 -21.93
C ASP B 92 11.10 13.59 -20.75
N GLY B 93 10.95 12.31 -21.02
CA GLY B 93 11.02 11.27 -19.96
C GLY B 93 9.69 11.10 -19.27
N VAL B 94 8.61 11.56 -19.88
CA VAL B 94 7.26 11.46 -19.27
C VAL B 94 6.42 10.39 -19.99
N ALA B 95 5.84 9.44 -19.22
CA ALA B 95 4.84 8.49 -19.72
C ALA B 95 3.46 8.91 -19.21
N ASP B 96 2.55 9.19 -20.14
CA ASP B 96 1.14 9.49 -19.80
C ASP B 96 0.41 8.14 -19.91
N VAL B 97 -0.02 7.62 -18.78
CA VAL B 97 -0.61 6.26 -18.74
C VAL B 97 -2.11 6.39 -18.95
N SER B 98 -2.63 5.58 -19.83
CA SER B 98 -4.08 5.49 -20.10
C SER B 98 -4.32 4.07 -20.60
N ILE B 99 -4.77 3.20 -19.69
CA ILE B 99 -4.93 1.72 -19.90
C ILE B 99 -6.37 1.39 -19.47
N GLU B 100 -7.04 0.49 -20.18
CA GLU B 100 -8.25 -0.19 -19.67
C GLU B 100 -7.94 -1.68 -19.71
N ASP B 101 -8.20 -2.36 -18.59
CA ASP B 101 -7.87 -3.79 -18.46
C ASP B 101 -9.04 -4.53 -17.85
N SER B 102 -9.33 -5.73 -18.39
CA SER B 102 -10.49 -6.55 -17.98
C SER B 102 -10.07 -7.72 -17.12
N VAL B 103 -8.77 -7.89 -16.87
CA VAL B 103 -8.25 -9.04 -16.08
C VAL B 103 -7.97 -8.62 -14.64
N ILE B 104 -7.29 -7.52 -14.41
CA ILE B 104 -7.15 -6.99 -13.03
C ILE B 104 -8.55 -6.63 -12.52
N SER B 105 -8.71 -6.64 -11.20
CA SER B 105 -9.98 -6.26 -10.52
C SER B 105 -9.66 -5.43 -9.28
N LEU B 106 -10.65 -4.73 -8.77
CA LEU B 106 -10.58 -4.04 -7.47
C LEU B 106 -11.47 -4.77 -6.46
N SER B 107 -11.88 -6.01 -6.77
CA SER B 107 -12.52 -6.91 -5.77
C SER B 107 -12.19 -8.37 -6.08
N GLY B 108 -12.39 -9.30 -5.13
CA GLY B 108 -12.27 -10.72 -5.47
C GLY B 108 -10.83 -11.19 -5.64
N ASP B 109 -10.64 -12.39 -6.21
CA ASP B 109 -9.29 -13.02 -6.25
C ASP B 109 -8.40 -12.37 -7.29
N HIS B 110 -8.95 -11.59 -8.21
CA HIS B 110 -8.12 -10.84 -9.19
C HIS B 110 -7.78 -9.49 -8.57
N CYS B 111 -8.09 -9.25 -7.30
CA CYS B 111 -7.95 -7.88 -6.72
C CYS B 111 -6.46 -7.52 -6.59
N ILE B 112 -6.10 -6.31 -6.95
CA ILE B 112 -4.68 -5.83 -6.89
C ILE B 112 -4.44 -4.97 -5.64
N ILE B 113 -5.45 -4.73 -4.81
CA ILE B 113 -5.27 -3.90 -3.58
C ILE B 113 -4.27 -4.61 -2.66
N GLY B 114 -3.32 -3.86 -2.11
CA GLY B 114 -2.35 -4.44 -1.17
C GLY B 114 -1.18 -5.09 -1.90
N ARG B 115 -1.15 -5.06 -3.23
CA ARG B 115 -0.03 -5.54 -4.05
C ARG B 115 0.80 -4.32 -4.47
N THR B 116 1.90 -4.54 -5.15
CA THR B 116 2.83 -3.47 -5.58
C THR B 116 2.74 -3.25 -7.10
N LEU B 117 2.65 -1.99 -7.50
CA LEU B 117 2.78 -1.63 -8.92
C LEU B 117 4.25 -1.25 -9.18
N VAL B 118 4.84 -1.78 -10.23
CA VAL B 118 6.28 -1.56 -10.56
C VAL B 118 6.39 -1.03 -12.00
N VAL B 119 7.19 0.01 -12.19
CA VAL B 119 7.68 0.42 -13.53
C VAL B 119 9.16 0.01 -13.69
N HIS B 120 9.46 -0.69 -14.78
CA HIS B 120 10.74 -1.38 -15.03
C HIS B 120 11.70 -0.57 -15.92
N GLU B 121 12.95 -0.97 -15.87
CA GLU B 121 14.11 -0.34 -16.57
C GLU B 121 13.91 -0.46 -18.08
N LYS B 122 13.43 -1.61 -18.53
CA LYS B 122 13.45 -2.00 -19.97
C LYS B 122 12.04 -2.30 -20.46
N ALA B 123 11.91 -2.46 -21.77
CA ALA B 123 10.69 -2.93 -22.44
C ALA B 123 10.40 -4.35 -21.95
N ASP B 124 9.10 -4.60 -21.72
CA ASP B 124 8.47 -5.93 -21.60
C ASP B 124 8.25 -6.46 -23.03
N ASP B 125 8.84 -7.61 -23.33
CA ASP B 125 8.70 -8.24 -24.67
C ASP B 125 7.39 -9.04 -24.74
N LEU B 126 6.52 -8.90 -23.75
CA LEU B 126 5.15 -9.45 -23.72
C LEU B 126 5.20 -10.95 -23.99
N GLY B 127 6.26 -11.62 -23.57
CA GLY B 127 6.43 -13.09 -23.66
C GLY B 127 6.85 -13.56 -25.05
N LYS B 128 7.22 -12.65 -25.97
CA LYS B 128 7.45 -12.97 -27.41
C LYS B 128 8.94 -12.83 -27.72
N GLY B 129 9.79 -12.75 -26.69
CA GLY B 129 11.23 -12.55 -26.89
C GLY B 129 11.90 -13.88 -27.15
N GLY B 130 13.17 -13.84 -27.51
CA GLY B 130 13.94 -15.07 -27.76
C GLY B 130 14.56 -15.70 -26.51
N ASN B 131 13.79 -16.17 -25.51
CA ASN B 131 14.38 -16.91 -24.36
C ASN B 131 13.35 -17.37 -23.31
N GLU B 132 13.83 -18.07 -22.28
CA GLU B 132 12.96 -18.62 -21.22
C GLU B 132 12.49 -17.49 -20.28
N GLU B 133 13.35 -16.52 -19.97
CA GLU B 133 12.96 -15.37 -19.09
C GLU B 133 11.77 -14.62 -19.70
N SER B 134 11.58 -14.65 -21.03
CA SER B 134 10.46 -13.92 -21.70
C SER B 134 9.12 -14.35 -21.12
N THR B 135 8.90 -15.62 -20.81
N THR B 135 8.99 -15.64 -20.80
CA THR B 135 7.55 -16.09 -20.36
CA THR B 135 7.76 -16.34 -20.34
C THR B 135 7.55 -16.13 -18.82
C THR B 135 7.56 -16.13 -18.83
N LYS B 136 8.49 -15.43 -18.16
CA LYS B 136 8.47 -15.23 -16.68
C LYS B 136 8.41 -13.73 -16.35
N THR B 137 9.30 -12.94 -16.91
CA THR B 137 9.44 -11.51 -16.54
C THR B 137 9.24 -10.61 -17.75
N GLY B 138 9.24 -11.16 -18.97
CA GLY B 138 9.25 -10.35 -20.20
C GLY B 138 10.56 -9.64 -20.46
N ASN B 139 11.61 -9.98 -19.72
CA ASN B 139 12.96 -9.36 -19.87
C ASN B 139 12.88 -7.85 -19.60
N ALA B 140 12.02 -7.37 -18.70
CA ALA B 140 11.86 -5.91 -18.48
C ALA B 140 12.90 -5.36 -17.48
N GLY B 141 13.71 -6.22 -16.88
CA GLY B 141 14.90 -5.76 -16.12
C GLY B 141 14.53 -5.16 -14.78
N SER B 142 15.37 -4.24 -14.29
CA SER B 142 15.32 -3.79 -12.88
C SER B 142 14.07 -2.94 -12.61
N ARG B 143 13.86 -2.67 -11.34
CA ARG B 143 12.64 -1.99 -10.85
C ARG B 143 12.99 -0.54 -10.56
N LEU B 144 12.48 0.38 -11.37
CA LEU B 144 12.89 1.79 -11.19
C LEU B 144 12.08 2.46 -10.11
N ALA B 145 10.77 2.19 -10.01
CA ALA B 145 9.92 2.85 -9.00
C ALA B 145 8.75 1.93 -8.75
N CYS B 146 8.19 2.02 -7.57
CA CYS B 146 7.08 1.13 -7.13
C CYS B 146 6.31 1.78 -6.02
N GLY B 147 5.12 1.25 -5.77
CA GLY B 147 4.31 1.70 -4.63
C GLY B 147 3.31 0.62 -4.29
N VAL B 148 2.80 0.64 -3.09
CA VAL B 148 1.75 -0.32 -2.68
C VAL B 148 0.43 0.26 -3.17
N ILE B 149 -0.42 -0.59 -3.70
CA ILE B 149 -1.75 -0.20 -4.23
C ILE B 149 -2.79 -0.08 -3.12
N GLY B 150 -3.31 1.13 -2.91
CA GLY B 150 -4.17 1.45 -1.75
C GLY B 150 -5.56 1.87 -2.11
N ILE B 151 -6.44 1.76 -1.13
CA ILE B 151 -7.88 2.13 -1.26
C ILE B 151 -7.98 3.64 -1.35
N ALA B 152 -8.72 4.18 -2.34
CA ALA B 152 -8.90 5.64 -2.45
C ALA B 152 -10.32 6.03 -2.10
N GLN B 153 -10.50 7.32 -1.78
CA GLN B 153 -11.83 7.83 -1.35
C GLN B 153 -12.69 7.95 -2.60
#